data_5Y3U
#
_entry.id   5Y3U
#
_entity_poly.entity_id   1
_entity_poly.type   'polypeptide(L)'
_entity_poly.pdbx_seq_one_letter_code
;LRLIHAVRGYWLTNKVPIKRPS
;
_entity_poly.pdbx_strand_id   A
#
# COMPACT_ATOMS: atom_id res chain seq x y z
N LEU A 1 -8.71 -12.96 -3.15
CA LEU A 1 -9.75 -11.90 -3.15
C LEU A 1 -9.89 -11.29 -4.54
N ARG A 2 -8.85 -10.59 -4.98
CA ARG A 2 -8.85 -9.96 -6.28
C ARG A 2 -7.44 -9.54 -6.63
N LEU A 3 -7.17 -9.30 -7.90
CA LEU A 3 -5.84 -8.90 -8.33
C LEU A 3 -5.58 -7.42 -8.08
N ILE A 4 -6.30 -6.59 -8.80
CA ILE A 4 -6.07 -5.14 -8.78
C ILE A 4 -6.19 -4.56 -7.38
N HIS A 5 -7.09 -5.10 -6.58
CA HIS A 5 -7.32 -4.58 -5.23
C HIS A 5 -6.22 -5.03 -4.28
N ALA A 6 -5.51 -6.07 -4.70
CA ALA A 6 -4.37 -6.57 -3.96
C ALA A 6 -3.13 -5.83 -4.42
N VAL A 7 -3.11 -5.54 -5.71
CA VAL A 7 -2.06 -4.74 -6.32
C VAL A 7 -2.00 -3.37 -5.69
N ARG A 8 -3.11 -2.67 -5.73
CA ARG A 8 -3.17 -1.31 -5.24
C ARG A 8 -2.95 -1.27 -3.73
N GLY A 9 -3.47 -2.27 -3.04
CA GLY A 9 -3.22 -2.37 -1.61
C GLY A 9 -1.79 -2.77 -1.31
N TYR A 10 -1.06 -3.12 -2.36
CA TYR A 10 0.34 -3.48 -2.25
C TYR A 10 1.22 -2.24 -2.40
N TRP A 11 1.09 -1.52 -3.51
CA TRP A 11 1.98 -0.39 -3.74
C TRP A 11 1.52 0.87 -3.01
N LEU A 12 0.21 1.09 -2.89
CA LEU A 12 -0.29 2.28 -2.20
C LEU A 12 0.04 2.23 -0.72
N THR A 13 0.25 1.02 -0.21
CA THR A 13 0.59 0.83 1.19
C THR A 13 2.11 0.85 1.39
N ASN A 14 2.85 0.72 0.30
CA ASN A 14 4.30 0.59 0.35
C ASN A 14 5.03 1.89 0.03
N LYS A 15 4.60 2.58 -1.02
CA LYS A 15 5.26 3.82 -1.47
C LYS A 15 5.17 4.88 -0.38
N VAL A 16 4.09 4.79 0.37
CA VAL A 16 3.86 5.63 1.52
C VAL A 16 4.82 5.27 2.65
N PRO A 17 5.65 6.24 3.05
CA PRO A 17 6.54 6.07 4.20
C PRO A 17 5.73 5.99 5.49
N ILE A 18 5.85 4.87 6.17
CA ILE A 18 5.12 4.64 7.40
C ILE A 18 6.06 4.54 8.59
N LYS A 19 7.10 5.35 8.56
CA LYS A 19 8.10 5.35 9.62
C LYS A 19 7.63 6.22 10.78
N ARG A 20 6.76 7.16 10.46
CA ARG A 20 6.13 8.01 11.47
C ARG A 20 5.32 7.16 12.45
N PRO A 21 5.41 7.47 13.74
CA PRO A 21 4.71 6.72 14.79
C PRO A 21 3.21 7.02 14.81
N SER A 22 2.49 6.40 13.90
CA SER A 22 1.04 6.54 13.86
C SER A 22 0.41 5.45 14.72
N LEU A 1 -9.77 -10.57 -1.97
CA LEU A 1 -9.09 -11.61 -2.76
C LEU A 1 -9.26 -11.32 -4.25
N ARG A 2 -8.60 -10.29 -4.72
CA ARG A 2 -8.67 -9.91 -6.13
C ARG A 2 -7.29 -9.50 -6.59
N LEU A 3 -7.10 -9.27 -7.88
CA LEU A 3 -5.79 -8.88 -8.38
C LEU A 3 -5.52 -7.41 -8.10
N ILE A 4 -6.28 -6.55 -8.75
CA ILE A 4 -6.06 -5.11 -8.71
C ILE A 4 -6.15 -4.55 -7.28
N HIS A 5 -7.02 -5.13 -6.49
CA HIS A 5 -7.24 -4.64 -5.13
C HIS A 5 -6.11 -5.10 -4.21
N ALA A 6 -5.41 -6.13 -4.65
CA ALA A 6 -4.26 -6.64 -3.96
C ALA A 6 -3.04 -5.85 -4.39
N VAL A 7 -3.06 -5.50 -5.67
CA VAL A 7 -2.01 -4.69 -6.28
C VAL A 7 -1.97 -3.30 -5.67
N ARG A 8 -3.08 -2.59 -5.76
CA ARG A 8 -3.14 -1.22 -5.28
C ARG A 8 -3.05 -1.19 -3.76
N GLY A 9 -3.60 -2.20 -3.12
CA GLY A 9 -3.45 -2.35 -1.69
C GLY A 9 -2.06 -2.85 -1.32
N TYR A 10 -1.25 -3.11 -2.33
CA TYR A 10 0.15 -3.42 -2.15
C TYR A 10 1.01 -2.14 -2.24
N TRP A 11 1.00 -1.50 -3.41
CA TRP A 11 1.95 -0.42 -3.66
C TRP A 11 1.52 0.92 -3.04
N LEU A 12 0.22 1.12 -2.83
CA LEU A 12 -0.24 2.35 -2.20
C LEU A 12 0.05 2.28 -0.73
N THR A 13 0.27 1.06 -0.31
CA THR A 13 0.61 0.73 1.03
C THR A 13 2.13 0.72 1.25
N ASN A 14 2.88 0.64 0.16
CA ASN A 14 4.34 0.52 0.25
C ASN A 14 5.07 1.83 0.00
N LYS A 15 4.82 2.45 -1.15
CA LYS A 15 5.56 3.63 -1.59
C LYS A 15 5.48 4.75 -0.57
N VAL A 16 4.36 4.80 0.11
CA VAL A 16 4.12 5.71 1.21
C VAL A 16 5.11 5.48 2.35
N PRO A 17 6.00 6.46 2.60
CA PRO A 17 6.96 6.38 3.70
C PRO A 17 6.29 6.54 5.07
N ILE A 18 6.41 5.50 5.89
CA ILE A 18 5.83 5.51 7.23
C ILE A 18 6.84 5.06 8.28
N LYS A 19 8.07 5.48 8.12
CA LYS A 19 9.13 5.13 9.07
C LYS A 19 9.27 6.21 10.13
N ARG A 20 8.79 7.41 9.80
CA ARG A 20 8.78 8.51 10.76
C ARG A 20 7.45 8.52 11.49
N PRO A 21 7.40 9.08 12.72
CA PRO A 21 6.17 9.14 13.50
C PRO A 21 5.25 10.28 13.05
N SER A 22 5.38 10.66 11.79
CA SER A 22 4.58 11.72 11.22
C SER A 22 3.75 11.17 10.06
N LEU A 1 -10.82 -11.20 -2.55
CA LEU A 1 -9.48 -10.61 -2.80
C LEU A 1 -9.13 -10.74 -4.28
N ARG A 2 -9.21 -9.62 -4.99
CA ARG A 2 -8.92 -9.60 -6.42
C ARG A 2 -7.43 -9.48 -6.69
N LEU A 3 -7.09 -9.30 -7.95
CA LEU A 3 -5.73 -9.03 -8.33
C LEU A 3 -5.41 -7.56 -8.17
N ILE A 4 -6.21 -6.73 -8.81
CA ILE A 4 -5.92 -5.30 -8.90
C ILE A 4 -6.13 -4.63 -7.54
N HIS A 5 -7.07 -5.15 -6.78
CA HIS A 5 -7.38 -4.59 -5.47
C HIS A 5 -6.33 -5.04 -4.47
N ALA A 6 -5.62 -6.10 -4.83
CA ALA A 6 -4.52 -6.59 -4.03
C ALA A 6 -3.27 -5.83 -4.41
N VAL A 7 -3.19 -5.51 -5.70
CA VAL A 7 -2.13 -4.70 -6.25
C VAL A 7 -2.10 -3.33 -5.62
N ARG A 8 -3.22 -2.63 -5.71
CA ARG A 8 -3.31 -1.27 -5.20
C ARG A 8 -3.13 -1.25 -3.69
N GLY A 9 -3.68 -2.25 -3.02
CA GLY A 9 -3.50 -2.38 -1.59
C GLY A 9 -2.10 -2.86 -1.25
N TYR A 10 -1.31 -3.10 -2.27
CA TYR A 10 0.10 -3.41 -2.11
C TYR A 10 0.97 -2.15 -2.25
N TRP A 11 0.88 -1.46 -3.39
CA TRP A 11 1.83 -0.38 -3.66
C TRP A 11 1.47 0.92 -2.96
N LEU A 12 0.20 1.15 -2.65
CA LEU A 12 -0.19 2.38 -1.96
C LEU A 12 0.32 2.32 -0.53
N THR A 13 0.51 1.10 -0.07
CA THR A 13 0.99 0.79 1.24
C THR A 13 2.51 0.89 1.34
N ASN A 14 3.16 0.73 0.20
CA ASN A 14 4.61 0.73 0.14
C ASN A 14 5.20 2.04 -0.39
N LYS A 15 4.53 2.65 -1.37
CA LYS A 15 5.04 3.87 -2.01
C LYS A 15 5.20 4.99 -0.98
N VAL A 16 4.41 4.90 0.07
CA VAL A 16 4.49 5.81 1.19
C VAL A 16 5.83 5.67 1.91
N PRO A 17 6.68 6.69 1.85
CA PRO A 17 7.96 6.68 2.54
C PRO A 17 7.78 6.70 4.05
N ILE A 18 8.22 5.63 4.70
CA ILE A 18 8.11 5.53 6.15
C ILE A 18 9.39 6.03 6.82
N LYS A 19 9.93 7.10 6.25
CA LYS A 19 11.14 7.71 6.76
C LYS A 19 10.83 8.72 7.84
N ARG A 20 9.56 9.09 7.94
CA ARG A 20 9.10 10.04 8.93
C ARG A 20 8.69 9.30 10.19
N PRO A 21 8.77 9.94 11.37
CA PRO A 21 8.30 9.36 12.63
C PRO A 21 6.77 9.38 12.73
N SER A 22 6.13 8.95 11.66
CA SER A 22 4.69 8.94 11.56
C SER A 22 4.18 7.51 11.48
N LEU A 1 -9.45 -14.21 -4.31
CA LEU A 1 -8.69 -12.95 -4.11
C LEU A 1 -8.50 -12.26 -5.46
N ARG A 2 -8.92 -11.00 -5.55
CA ARG A 2 -8.80 -10.25 -6.79
C ARG A 2 -7.37 -9.75 -6.95
N LEU A 3 -7.01 -9.34 -8.16
CA LEU A 3 -5.66 -8.90 -8.42
C LEU A 3 -5.48 -7.42 -8.09
N ILE A 4 -6.15 -6.58 -8.84
CA ILE A 4 -5.96 -5.13 -8.76
C ILE A 4 -6.19 -4.57 -7.35
N HIS A 5 -7.09 -5.19 -6.60
CA HIS A 5 -7.41 -4.70 -5.26
C HIS A 5 -6.30 -5.07 -4.29
N ALA A 6 -5.57 -6.11 -4.64
CA ALA A 6 -4.43 -6.55 -3.87
C ALA A 6 -3.20 -5.78 -4.32
N VAL A 7 -3.18 -5.48 -5.60
CA VAL A 7 -2.13 -4.69 -6.22
C VAL A 7 -2.06 -3.31 -5.61
N ARG A 8 -3.17 -2.59 -5.66
CA ARG A 8 -3.21 -1.23 -5.17
C ARG A 8 -3.02 -1.19 -3.67
N GLY A 9 -3.52 -2.21 -2.98
CA GLY A 9 -3.29 -2.33 -1.56
C GLY A 9 -1.88 -2.78 -1.26
N TYR A 10 -1.13 -3.08 -2.30
CA TYR A 10 0.27 -3.41 -2.18
C TYR A 10 1.15 -2.17 -2.34
N TRP A 11 1.07 -1.49 -3.48
CA TRP A 11 2.00 -0.40 -3.78
C TRP A 11 1.60 0.92 -3.10
N LEU A 12 0.31 1.12 -2.84
CA LEU A 12 -0.14 2.35 -2.18
C LEU A 12 0.17 2.26 -0.72
N THR A 13 0.28 1.03 -0.27
CA THR A 13 0.58 0.69 1.08
C THR A 13 2.09 0.57 1.28
N ASN A 14 2.82 0.69 0.18
CA ASN A 14 4.26 0.52 0.19
C ASN A 14 5.00 1.86 0.17
N LYS A 15 4.55 2.76 -0.70
CA LYS A 15 5.13 4.10 -0.82
C LYS A 15 5.08 4.81 0.52
N VAL A 16 4.12 4.39 1.30
CA VAL A 16 3.91 4.90 2.64
C VAL A 16 4.64 4.02 3.66
N PRO A 17 5.63 4.59 4.35
CA PRO A 17 6.31 3.90 5.44
C PRO A 17 5.38 3.66 6.61
N ILE A 18 5.15 2.39 6.93
CA ILE A 18 4.21 2.01 7.97
C ILE A 18 4.87 1.97 9.34
N LYS A 19 5.85 2.82 9.51
CA LYS A 19 6.55 2.95 10.78
C LYS A 19 6.06 4.19 11.51
N ARG A 20 5.29 4.99 10.81
CA ARG A 20 4.68 6.19 11.39
C ARG A 20 3.48 5.80 12.25
N PRO A 21 3.34 6.44 13.41
CA PRO A 21 2.23 6.18 14.33
C PRO A 21 0.92 6.78 13.82
N SER A 22 0.38 6.22 12.75
CA SER A 22 -0.83 6.70 12.14
C SER A 22 -1.82 5.55 12.00
N LEU A 1 -8.35 -11.43 -2.39
CA LEU A 1 -8.43 -9.95 -2.37
C LEU A 1 -8.35 -9.40 -3.80
N ARG A 2 -8.86 -10.19 -4.75
CA ARG A 2 -8.81 -9.83 -6.18
C ARG A 2 -7.39 -9.67 -6.67
N LEU A 3 -7.26 -9.19 -7.90
CA LEU A 3 -5.96 -8.84 -8.44
C LEU A 3 -5.63 -7.40 -8.15
N ILE A 4 -6.51 -6.51 -8.58
CA ILE A 4 -6.21 -5.08 -8.57
C ILE A 4 -6.19 -4.53 -7.14
N HIS A 5 -6.99 -5.13 -6.28
CA HIS A 5 -7.09 -4.68 -4.90
C HIS A 5 -5.90 -5.22 -4.11
N ALA A 6 -5.29 -6.26 -4.68
CA ALA A 6 -4.09 -6.85 -4.11
C ALA A 6 -2.88 -6.10 -4.61
N VAL A 7 -3.04 -5.46 -5.75
CA VAL A 7 -1.99 -4.68 -6.37
C VAL A 7 -1.91 -3.29 -5.75
N ARG A 8 -3.02 -2.57 -5.83
CA ARG A 8 -3.05 -1.20 -5.36
C ARG A 8 -2.94 -1.15 -3.84
N GLY A 9 -3.56 -2.10 -3.17
CA GLY A 9 -3.42 -2.22 -1.73
C GLY A 9 -2.05 -2.73 -1.36
N TYR A 10 -1.25 -3.04 -2.36
CA TYR A 10 0.12 -3.42 -2.17
C TYR A 10 1.03 -2.19 -2.25
N TRP A 11 1.08 -1.54 -3.41
CA TRP A 11 2.06 -0.48 -3.62
C TRP A 11 1.65 0.86 -3.02
N LEU A 12 0.35 1.10 -2.86
CA LEU A 12 -0.12 2.37 -2.28
C LEU A 12 0.12 2.32 -0.80
N THR A 13 0.20 1.10 -0.31
CA THR A 13 0.44 0.80 1.05
C THR A 13 1.94 0.69 1.33
N ASN A 14 2.73 0.64 0.26
CA ASN A 14 4.17 0.54 0.38
C ASN A 14 4.88 1.87 0.14
N LYS A 15 4.52 2.55 -0.96
CA LYS A 15 5.21 3.79 -1.34
C LYS A 15 4.93 4.90 -0.33
N VAL A 16 3.83 4.74 0.38
CA VAL A 16 3.44 5.64 1.44
C VAL A 16 4.48 5.62 2.56
N PRO A 17 5.12 6.76 2.81
CA PRO A 17 6.03 6.91 3.93
C PRO A 17 5.27 6.91 5.25
N ILE A 18 5.54 5.91 6.07
CA ILE A 18 4.85 5.79 7.35
C ILE A 18 5.62 6.53 8.43
N LYS A 19 6.21 7.64 8.04
CA LYS A 19 6.98 8.48 8.95
C LYS A 19 6.18 9.73 9.29
N ARG A 20 5.13 9.96 8.52
CA ARG A 20 4.27 11.12 8.72
C ARG A 20 3.20 10.81 9.75
N PRO A 21 2.76 11.81 10.51
CA PRO A 21 1.66 11.66 11.46
C PRO A 21 0.30 11.70 10.76
N SER A 22 0.13 10.81 9.78
CA SER A 22 -1.09 10.75 9.01
C SER A 22 -1.22 9.38 8.35
N LEU A 1 -8.71 -13.41 -3.95
CA LEU A 1 -10.02 -13.14 -4.58
C LEU A 1 -9.97 -11.86 -5.43
N ARG A 2 -9.15 -10.90 -5.02
CA ARG A 2 -9.00 -9.66 -5.76
C ARG A 2 -7.56 -9.45 -6.17
N LEU A 3 -7.39 -9.16 -7.45
CA LEU A 3 -6.07 -8.95 -8.02
C LEU A 3 -5.68 -7.48 -7.93
N ILE A 4 -6.54 -6.64 -8.46
CA ILE A 4 -6.26 -5.22 -8.58
C ILE A 4 -6.20 -4.57 -7.21
N HIS A 5 -6.99 -5.08 -6.28
CA HIS A 5 -7.05 -4.53 -4.93
C HIS A 5 -5.84 -5.01 -4.12
N ALA A 6 -5.23 -6.08 -4.61
CA ALA A 6 -4.02 -6.61 -4.01
C ALA A 6 -2.84 -5.86 -4.58
N VAL A 7 -2.98 -5.49 -5.84
CA VAL A 7 -1.99 -4.68 -6.53
C VAL A 7 -1.94 -3.28 -5.96
N ARG A 8 -3.06 -2.59 -6.03
CA ARG A 8 -3.12 -1.21 -5.56
C ARG A 8 -2.91 -1.16 -4.05
N GLY A 9 -3.43 -2.16 -3.35
CA GLY A 9 -3.21 -2.25 -1.93
C GLY A 9 -1.81 -2.70 -1.60
N TYR A 10 -1.03 -2.98 -2.63
CA TYR A 10 0.36 -3.33 -2.48
C TYR A 10 1.24 -2.08 -2.51
N TRP A 11 1.21 -1.36 -3.63
CA TRP A 11 2.11 -0.22 -3.79
C TRP A 11 1.64 1.00 -3.02
N LEU A 12 0.33 1.21 -2.92
CA LEU A 12 -0.19 2.34 -2.16
C LEU A 12 0.13 2.16 -0.68
N THR A 13 0.04 0.92 -0.22
CA THR A 13 0.26 0.59 1.17
C THR A 13 1.75 0.47 1.50
N ASN A 14 2.60 0.42 0.48
CA ASN A 14 4.04 0.31 0.69
C ASN A 14 4.76 1.63 0.49
N LYS A 15 4.38 2.38 -0.55
CA LYS A 15 5.05 3.64 -0.88
C LYS A 15 4.93 4.63 0.28
N VAL A 16 3.92 4.39 1.10
CA VAL A 16 3.72 5.15 2.32
C VAL A 16 4.75 4.76 3.37
N PRO A 17 5.58 5.70 3.79
CA PRO A 17 6.53 5.49 4.87
C PRO A 17 5.81 5.33 6.20
N ILE A 18 5.97 4.17 6.81
CA ILE A 18 5.32 3.87 8.08
C ILE A 18 6.10 4.46 9.25
N LYS A 19 6.58 5.68 9.04
CA LYS A 19 7.32 6.41 10.05
C LYS A 19 6.39 7.41 10.72
N ARG A 20 5.20 7.55 10.17
CA ARG A 20 4.16 8.36 10.76
C ARG A 20 3.56 7.63 11.95
N PRO A 21 3.14 8.37 13.00
CA PRO A 21 2.54 7.77 14.20
C PRO A 21 1.10 7.30 13.96
N SER A 22 0.92 6.55 12.89
CA SER A 22 -0.38 6.05 12.52
C SER A 22 -0.22 4.77 11.69
N LEU A 1 -10.50 -11.49 -1.91
CA LEU A 1 -9.21 -11.56 -2.63
C LEU A 1 -9.40 -11.22 -4.09
N ARG A 2 -8.88 -10.07 -4.50
CA ARG A 2 -8.97 -9.65 -5.90
C ARG A 2 -7.56 -9.42 -6.44
N LEU A 3 -7.44 -9.09 -7.73
CA LEU A 3 -6.13 -8.81 -8.30
C LEU A 3 -5.72 -7.37 -8.07
N ILE A 4 -6.44 -6.46 -8.72
CA ILE A 4 -6.09 -5.05 -8.70
C ILE A 4 -6.14 -4.47 -7.29
N HIS A 5 -7.01 -5.01 -6.45
CA HIS A 5 -7.17 -4.52 -5.08
C HIS A 5 -6.03 -5.05 -4.21
N ALA A 6 -5.40 -6.10 -4.69
CA ALA A 6 -4.24 -6.66 -4.03
C ALA A 6 -3.02 -5.89 -4.48
N VAL A 7 -3.03 -5.57 -5.76
CA VAL A 7 -2.00 -4.75 -6.38
C VAL A 7 -1.94 -3.39 -5.73
N ARG A 8 -3.05 -2.68 -5.73
CA ARG A 8 -3.09 -1.34 -5.20
C ARG A 8 -2.93 -1.33 -3.69
N GLY A 9 -3.34 -2.40 -3.04
CA GLY A 9 -3.10 -2.54 -1.62
C GLY A 9 -1.67 -2.95 -1.35
N TYR A 10 -0.96 -3.29 -2.41
CA TYR A 10 0.45 -3.58 -2.34
C TYR A 10 1.26 -2.29 -2.42
N TRP A 11 1.14 -1.57 -3.54
CA TRP A 11 2.02 -0.43 -3.77
C TRP A 11 1.56 0.82 -3.03
N LEU A 12 0.25 1.09 -2.97
CA LEU A 12 -0.24 2.32 -2.34
C LEU A 12 0.05 2.31 -0.86
N THR A 13 0.09 1.11 -0.32
CA THR A 13 0.34 0.90 1.08
C THR A 13 1.84 0.88 1.40
N ASN A 14 2.67 0.71 0.37
CA ASN A 14 4.12 0.70 0.55
C ASN A 14 4.79 1.99 0.11
N LYS A 15 4.35 2.56 -1.01
CA LYS A 15 4.97 3.77 -1.56
C LYS A 15 4.78 4.95 -0.65
N VAL A 16 3.73 4.87 0.17
CA VAL A 16 3.45 5.85 1.18
C VAL A 16 4.63 5.97 2.16
N PRO A 17 5.27 7.14 2.20
CA PRO A 17 6.33 7.40 3.16
C PRO A 17 5.77 7.50 4.57
N ILE A 18 6.20 6.58 5.42
CA ILE A 18 5.74 6.51 6.80
C ILE A 18 6.87 6.10 7.72
N LYS A 19 8.03 6.67 7.48
CA LYS A 19 9.21 6.37 8.26
C LYS A 19 9.42 7.44 9.33
N ARG A 20 8.73 8.56 9.15
CA ARG A 20 8.77 9.66 10.09
C ARG A 20 8.35 9.21 11.49
N PRO A 21 8.99 9.76 12.54
CA PRO A 21 8.72 9.38 13.92
C PRO A 21 7.59 10.19 14.55
N SER A 22 6.57 10.49 13.76
CA SER A 22 5.44 11.27 14.24
C SER A 22 4.55 10.43 15.15
N LEU A 1 -9.62 -10.18 -1.92
CA LEU A 1 -9.70 -11.39 -2.77
C LEU A 1 -9.86 -11.00 -4.24
N ARG A 2 -8.81 -10.38 -4.80
CA ARG A 2 -8.79 -10.00 -6.20
C ARG A 2 -7.36 -9.62 -6.59
N LEU A 3 -7.14 -9.31 -7.86
CA LEU A 3 -5.80 -8.95 -8.30
C LEU A 3 -5.52 -7.47 -8.05
N ILE A 4 -6.19 -6.61 -8.78
CA ILE A 4 -5.94 -5.17 -8.75
C ILE A 4 -6.15 -4.59 -7.35
N HIS A 5 -7.10 -5.15 -6.62
CA HIS A 5 -7.42 -4.67 -5.28
C HIS A 5 -6.33 -5.08 -4.30
N ALA A 6 -5.56 -6.08 -4.71
CA ALA A 6 -4.42 -6.52 -3.94
C ALA A 6 -3.19 -5.75 -4.37
N VAL A 7 -3.15 -5.47 -5.67
CA VAL A 7 -2.09 -4.67 -6.27
C VAL A 7 -2.04 -3.28 -5.66
N ARG A 8 -3.16 -2.58 -5.70
CA ARG A 8 -3.22 -1.22 -5.20
C ARG A 8 -3.04 -1.21 -3.69
N GLY A 9 -3.52 -2.25 -3.03
CA GLY A 9 -3.28 -2.39 -1.61
C GLY A 9 -1.88 -2.87 -1.32
N TYR A 10 -1.12 -3.10 -2.36
CA TYR A 10 0.29 -3.41 -2.25
C TYR A 10 1.14 -2.14 -2.36
N TRP A 11 1.08 -1.48 -3.52
CA TRP A 11 2.02 -0.39 -3.78
C TRP A 11 1.64 0.92 -3.12
N LEU A 12 0.36 1.10 -2.80
CA LEU A 12 -0.07 2.33 -2.12
C LEU A 12 0.32 2.22 -0.67
N THR A 13 0.20 1.00 -0.19
CA THR A 13 0.55 0.62 1.15
C THR A 13 2.07 0.59 1.33
N ASN A 14 2.79 0.66 0.21
CA ASN A 14 4.25 0.68 0.26
C ASN A 14 4.80 2.09 0.06
N LYS A 15 4.32 2.80 -0.98
CA LYS A 15 4.83 4.13 -1.29
C LYS A 15 4.56 5.12 -0.17
N VAL A 16 3.57 4.79 0.63
CA VAL A 16 3.20 5.58 1.78
C VAL A 16 4.38 5.73 2.74
N PRO A 17 4.87 6.96 2.92
CA PRO A 17 5.91 7.24 3.89
C PRO A 17 5.39 7.10 5.31
N ILE A 18 5.99 6.20 6.06
CA ILE A 18 5.61 6.00 7.45
C ILE A 18 6.41 6.94 8.35
N LYS A 19 6.59 8.16 7.86
CA LYS A 19 7.38 9.17 8.55
C LYS A 19 6.48 10.02 9.43
N ARG A 20 5.22 10.10 9.04
CA ARG A 20 4.22 10.85 9.81
C ARG A 20 4.02 10.23 11.18
N PRO A 21 4.00 11.04 12.24
CA PRO A 21 3.81 10.58 13.60
C PRO A 21 2.34 10.37 13.96
N SER A 22 1.55 10.06 12.95
CA SER A 22 0.13 9.85 13.12
C SER A 22 -0.40 8.94 12.00
N LEU A 1 -8.77 -12.24 -2.61
CA LEU A 1 -9.85 -11.32 -3.00
C LEU A 1 -9.86 -11.11 -4.51
N ARG A 2 -8.84 -10.41 -5.02
CA ARG A 2 -8.74 -10.13 -6.45
C ARG A 2 -7.34 -9.59 -6.75
N LEU A 3 -7.01 -9.41 -8.02
CA LEU A 3 -5.67 -8.95 -8.39
C LEU A 3 -5.48 -7.47 -8.09
N ILE A 4 -6.15 -6.62 -8.86
CA ILE A 4 -5.97 -5.17 -8.77
C ILE A 4 -6.22 -4.64 -7.37
N HIS A 5 -7.17 -5.25 -6.67
CA HIS A 5 -7.52 -4.82 -5.32
C HIS A 5 -6.42 -5.17 -4.35
N ALA A 6 -5.61 -6.15 -4.73
CA ALA A 6 -4.47 -6.56 -3.93
C ALA A 6 -3.25 -5.76 -4.34
N VAL A 7 -3.19 -5.49 -5.64
CA VAL A 7 -2.14 -4.67 -6.24
C VAL A 7 -2.08 -3.29 -5.61
N ARG A 8 -3.20 -2.60 -5.63
CA ARG A 8 -3.26 -1.23 -5.15
C ARG A 8 -3.00 -1.16 -3.65
N GLY A 9 -3.51 -2.15 -2.94
CA GLY A 9 -3.24 -2.24 -1.51
C GLY A 9 -1.82 -2.70 -1.23
N TYR A 10 -1.10 -3.00 -2.29
CA TYR A 10 0.29 -3.34 -2.20
C TYR A 10 1.16 -2.09 -2.35
N TRP A 11 1.10 -1.44 -3.51
CA TRP A 11 2.03 -0.35 -3.82
C TRP A 11 1.66 0.96 -3.14
N LEU A 12 0.37 1.16 -2.84
CA LEU A 12 -0.04 2.39 -2.15
C LEU A 12 0.35 2.27 -0.69
N THR A 13 0.27 1.05 -0.23
CA THR A 13 0.58 0.69 1.11
C THR A 13 2.08 0.48 1.30
N ASN A 14 2.83 0.54 0.21
CA ASN A 14 4.29 0.48 0.27
C ASN A 14 4.92 1.87 0.11
N LYS A 15 4.34 2.68 -0.77
CA LYS A 15 4.87 4.01 -1.04
C LYS A 15 4.71 4.94 0.15
N VAL A 16 3.75 4.60 1.00
CA VAL A 16 3.50 5.33 2.23
C VAL A 16 4.77 5.44 3.07
N PRO A 17 5.27 6.67 3.25
CA PRO A 17 6.43 6.93 4.09
C PRO A 17 6.14 6.65 5.56
N ILE A 18 6.84 5.67 6.11
CA ILE A 18 6.71 5.33 7.53
C ILE A 18 8.08 4.96 8.10
N LYS A 19 9.09 5.68 7.65
CA LYS A 19 10.44 5.48 8.15
C LYS A 19 10.76 6.53 9.19
N ARG A 20 10.03 7.64 9.13
CA ARG A 20 10.12 8.67 10.14
C ARG A 20 9.23 8.27 11.32
N PRO A 21 9.34 8.96 12.47
CA PRO A 21 8.63 8.57 13.68
C PRO A 21 7.19 9.08 13.70
N SER A 22 6.58 9.10 12.52
CA SER A 22 5.18 9.49 12.35
C SER A 22 4.89 10.84 13.01
N LEU A 1 -10.24 -12.83 -3.46
CA LEU A 1 -8.84 -12.37 -3.57
C LEU A 1 -8.75 -11.02 -4.26
N ARG A 2 -9.07 -11.00 -5.56
CA ARG A 2 -8.98 -9.79 -6.39
C ARG A 2 -7.54 -9.41 -6.66
N LEU A 3 -7.26 -9.18 -7.92
CA LEU A 3 -5.92 -8.87 -8.37
C LEU A 3 -5.61 -7.40 -8.15
N ILE A 4 -6.42 -6.54 -8.73
CA ILE A 4 -6.17 -5.11 -8.72
C ILE A 4 -6.22 -4.54 -7.31
N HIS A 5 -7.05 -5.14 -6.47
CA HIS A 5 -7.20 -4.67 -5.08
C HIS A 5 -6.00 -5.10 -4.25
N ALA A 6 -5.39 -6.19 -4.67
CA ALA A 6 -4.20 -6.71 -4.02
C ALA A 6 -2.99 -5.97 -4.52
N VAL A 7 -3.11 -5.47 -5.74
CA VAL A 7 -2.07 -4.67 -6.36
C VAL A 7 -2.00 -3.30 -5.72
N ARG A 8 -3.10 -2.59 -5.77
CA ARG A 8 -3.16 -1.23 -5.26
C ARG A 8 -2.95 -1.21 -3.75
N GLY A 9 -3.51 -2.20 -3.07
CA GLY A 9 -3.32 -2.33 -1.64
C GLY A 9 -1.92 -2.82 -1.32
N TYR A 10 -1.14 -3.11 -2.36
CA TYR A 10 0.25 -3.46 -2.21
C TYR A 10 1.12 -2.21 -2.30
N TRP A 11 1.11 -1.55 -3.46
CA TRP A 11 2.07 -0.48 -3.71
C TRP A 11 1.66 0.85 -3.07
N LEU A 12 0.37 1.08 -2.87
CA LEU A 12 -0.09 2.32 -2.27
C LEU A 12 0.17 2.27 -0.78
N THR A 13 0.22 1.05 -0.30
CA THR A 13 0.45 0.75 1.06
C THR A 13 1.97 0.71 1.37
N ASN A 14 2.77 0.73 0.30
CA ASN A 14 4.22 0.68 0.44
C ASN A 14 4.88 2.05 0.24
N LYS A 15 4.38 2.84 -0.73
CA LYS A 15 4.97 4.14 -1.04
C LYS A 15 4.99 5.03 0.18
N VAL A 16 3.91 4.94 0.93
CA VAL A 16 3.81 5.56 2.24
C VAL A 16 4.93 5.08 3.16
N PRO A 17 5.87 5.97 3.51
CA PRO A 17 6.94 5.63 4.44
C PRO A 17 6.43 5.47 5.86
N ILE A 18 6.56 4.27 6.39
CA ILE A 18 6.07 3.97 7.72
C ILE A 18 7.16 4.19 8.75
N LYS A 19 8.09 5.04 8.39
CA LYS A 19 9.25 5.32 9.21
C LYS A 19 9.15 6.71 9.83
N ARG A 20 8.22 7.50 9.33
CA ARG A 20 7.98 8.83 9.84
C ARG A 20 6.87 8.79 10.89
N PRO A 21 6.92 9.69 11.88
CA PRO A 21 5.95 9.71 12.99
C PRO A 21 4.58 10.26 12.58
N SER A 22 3.95 9.59 11.63
CA SER A 22 2.63 9.97 11.18
C SER A 22 1.72 8.73 11.19
N LEU A 1 -9.38 -11.53 -2.11
CA LEU A 1 -8.66 -12.46 -3.00
C LEU A 1 -8.84 -12.07 -4.47
N ARG A 2 -8.39 -10.87 -4.81
CA ARG A 2 -8.47 -10.37 -6.18
C ARG A 2 -7.09 -9.91 -6.63
N LEU A 3 -6.95 -9.49 -7.88
CA LEU A 3 -5.67 -9.03 -8.36
C LEU A 3 -5.47 -7.54 -8.10
N ILE A 4 -6.21 -6.73 -8.83
CA ILE A 4 -6.04 -5.27 -8.80
C ILE A 4 -6.24 -4.69 -7.40
N HIS A 5 -7.15 -5.29 -6.65
CA HIS A 5 -7.46 -4.80 -5.31
C HIS A 5 -6.35 -5.17 -4.34
N ALA A 6 -5.56 -6.15 -4.75
CA ALA A 6 -4.41 -6.57 -3.99
C ALA A 6 -3.21 -5.75 -4.40
N VAL A 7 -3.13 -5.50 -5.70
CA VAL A 7 -2.10 -4.68 -6.29
C VAL A 7 -2.07 -3.28 -5.68
N ARG A 8 -3.19 -2.60 -5.77
CA ARG A 8 -3.27 -1.22 -5.32
C ARG A 8 -3.02 -1.11 -3.83
N GLY A 9 -3.59 -2.03 -3.07
CA GLY A 9 -3.35 -2.06 -1.64
C GLY A 9 -1.92 -2.44 -1.31
N TYR A 10 -1.21 -2.94 -2.30
CA TYR A 10 0.18 -3.31 -2.16
C TYR A 10 1.08 -2.08 -2.31
N TRP A 11 1.03 -1.41 -3.46
CA TRP A 11 1.95 -0.31 -3.72
C TRP A 11 1.58 0.95 -2.95
N LEU A 12 0.28 1.18 -2.77
CA LEU A 12 -0.17 2.35 -2.01
C LEU A 12 0.29 2.25 -0.57
N THR A 13 0.39 1.03 -0.06
CA THR A 13 0.80 0.79 1.31
C THR A 13 2.32 0.61 1.40
N ASN A 14 2.96 0.60 0.25
CA ASN A 14 4.39 0.35 0.15
C ASN A 14 5.19 1.63 0.01
N LYS A 15 4.80 2.46 -0.96
CA LYS A 15 5.54 3.70 -1.27
C LYS A 15 5.56 4.61 -0.06
N VAL A 16 4.43 4.66 0.61
CA VAL A 16 4.27 5.40 1.84
C VAL A 16 5.30 4.96 2.87
N PRO A 17 6.19 5.87 3.27
CA PRO A 17 7.16 5.60 4.32
C PRO A 17 6.47 5.36 5.66
N ILE A 18 6.64 4.17 6.20
CA ILE A 18 6.05 3.82 7.50
C ILE A 18 7.09 3.18 8.40
N LYS A 19 8.31 3.69 8.33
CA LYS A 19 9.40 3.20 9.15
C LYS A 19 9.61 4.13 10.34
N ARG A 20 10.14 5.31 10.07
CA ARG A 20 10.26 6.33 11.09
C ARG A 20 9.17 7.40 10.88
N PRO A 21 8.48 7.79 11.94
CA PRO A 21 7.43 8.82 11.87
C PRO A 21 8.03 10.22 11.82
N SER A 22 8.98 10.41 10.91
CA SER A 22 9.68 11.67 10.79
C SER A 22 9.33 12.33 9.46
N LEU A 1 -7.62 -10.37 -1.53
CA LEU A 1 -8.19 -9.03 -1.78
C LEU A 1 -8.22 -8.72 -3.27
N ARG A 2 -8.77 -9.64 -4.06
CA ARG A 2 -8.88 -9.49 -5.51
C ARG A 2 -7.49 -9.34 -6.14
N LEU A 3 -7.42 -8.96 -7.41
CA LEU A 3 -6.15 -8.75 -8.07
C LEU A 3 -5.69 -7.31 -7.93
N ILE A 4 -6.41 -6.42 -8.59
CA ILE A 4 -6.06 -5.00 -8.61
C ILE A 4 -6.08 -4.40 -7.21
N HIS A 5 -6.96 -4.93 -6.37
CA HIS A 5 -7.08 -4.43 -5.00
C HIS A 5 -5.93 -4.96 -4.15
N ALA A 6 -5.31 -6.02 -4.63
CA ALA A 6 -4.14 -6.58 -3.99
C ALA A 6 -2.92 -5.86 -4.51
N VAL A 7 -2.98 -5.52 -5.78
CA VAL A 7 -1.94 -4.73 -6.43
C VAL A 7 -1.84 -3.35 -5.81
N ARG A 8 -2.95 -2.64 -5.81
CA ARG A 8 -2.97 -1.28 -5.27
C ARG A 8 -2.83 -1.33 -3.76
N GLY A 9 -3.34 -2.38 -3.14
CA GLY A 9 -3.14 -2.58 -1.72
C GLY A 9 -1.72 -3.02 -1.43
N TYR A 10 -0.95 -3.23 -2.49
CA TYR A 10 0.46 -3.52 -2.39
C TYR A 10 1.27 -2.23 -2.46
N TRP A 11 1.22 -1.54 -3.61
CA TRP A 11 2.09 -0.40 -3.83
C TRP A 11 1.61 0.88 -3.14
N LEU A 12 0.29 1.04 -2.94
CA LEU A 12 -0.22 2.24 -2.30
C LEU A 12 0.03 2.15 -0.83
N THR A 13 -0.11 0.94 -0.34
CA THR A 13 0.12 0.60 1.03
C THR A 13 1.63 0.57 1.34
N ASN A 14 2.44 0.64 0.30
CA ASN A 14 3.88 0.69 0.45
C ASN A 14 4.43 2.10 0.32
N LYS A 15 4.06 2.79 -0.75
CA LYS A 15 4.57 4.14 -1.03
C LYS A 15 4.20 5.10 0.09
N VAL A 16 3.13 4.78 0.78
CA VAL A 16 2.70 5.56 1.93
C VAL A 16 3.75 5.50 3.05
N PRO A 17 4.34 6.65 3.38
CA PRO A 17 5.27 6.75 4.50
C PRO A 17 4.54 6.65 5.83
N ILE A 18 4.85 5.61 6.58
CA ILE A 18 4.22 5.38 7.87
C ILE A 18 5.08 5.96 8.99
N LYS A 19 5.70 7.08 8.67
CA LYS A 19 6.57 7.76 9.61
C LYS A 19 5.92 9.08 10.06
N ARG A 20 4.94 9.51 9.29
CA ARG A 20 4.23 10.75 9.56
C ARG A 20 2.93 10.48 10.30
N PRO A 21 2.81 10.92 11.56
CA PRO A 21 1.58 10.77 12.33
C PRO A 21 0.56 11.86 12.04
N SER A 22 0.35 12.11 10.76
CA SER A 22 -0.55 13.18 10.30
C SER A 22 -0.09 14.53 10.84
N LEU A 1 -7.36 -11.70 -2.03
CA LEU A 1 -8.76 -12.05 -2.36
C LEU A 1 -9.16 -11.55 -3.75
N ARG A 2 -8.38 -10.62 -4.29
CA ARG A 2 -8.61 -10.13 -5.66
C ARG A 2 -7.29 -9.67 -6.25
N LEU A 3 -7.25 -9.39 -7.55
CA LEU A 3 -6.00 -9.00 -8.17
C LEU A 3 -5.70 -7.52 -7.99
N ILE A 4 -6.47 -6.69 -8.66
CA ILE A 4 -6.23 -5.24 -8.70
C ILE A 4 -6.26 -4.62 -7.31
N HIS A 5 -7.08 -5.15 -6.43
CA HIS A 5 -7.22 -4.62 -5.08
C HIS A 5 -6.03 -5.06 -4.23
N ALA A 6 -5.37 -6.11 -4.68
CA ALA A 6 -4.17 -6.60 -4.02
C ALA A 6 -2.99 -5.81 -4.54
N VAL A 7 -3.06 -5.51 -5.84
CA VAL A 7 -2.08 -4.70 -6.51
C VAL A 7 -2.01 -3.31 -5.91
N ARG A 8 -3.12 -2.60 -5.98
CA ARG A 8 -3.18 -1.23 -5.51
C ARG A 8 -2.93 -1.17 -4.01
N GLY A 9 -3.47 -2.14 -3.29
CA GLY A 9 -3.24 -2.22 -1.85
C GLY A 9 -1.81 -2.64 -1.53
N TYR A 10 -1.09 -3.08 -2.55
CA TYR A 10 0.31 -3.46 -2.40
C TYR A 10 1.21 -2.23 -2.43
N TRP A 11 1.16 -1.46 -3.52
CA TRP A 11 2.08 -0.35 -3.66
C TRP A 11 1.63 0.88 -2.88
N LEU A 12 0.32 1.13 -2.81
CA LEU A 12 -0.19 2.29 -2.09
C LEU A 12 0.14 2.20 -0.59
N THR A 13 0.23 0.98 -0.08
CA THR A 13 0.53 0.76 1.32
C THR A 13 2.04 0.74 1.56
N ASN A 14 2.78 0.70 0.48
CA ASN A 14 4.24 0.59 0.55
C ASN A 14 4.94 1.92 0.30
N LYS A 15 4.48 2.67 -0.70
CA LYS A 15 5.10 3.95 -1.07
C LYS A 15 5.05 4.91 0.10
N VAL A 16 3.96 4.84 0.83
CA VAL A 16 3.74 5.62 2.03
C VAL A 16 4.85 5.36 3.06
N PRO A 17 5.67 6.39 3.33
CA PRO A 17 6.73 6.30 4.34
C PRO A 17 6.16 6.19 5.74
N ILE A 18 6.47 5.10 6.40
CA ILE A 18 5.98 4.85 7.75
C ILE A 18 6.96 5.43 8.78
N LYS A 19 7.43 6.64 8.51
CA LYS A 19 8.40 7.29 9.37
C LYS A 19 7.74 8.37 10.21
N ARG A 20 6.43 8.51 10.03
CA ARG A 20 5.67 9.48 10.78
C ARG A 20 5.13 8.82 12.05
N PRO A 21 4.56 9.61 12.98
CA PRO A 21 4.02 9.08 14.23
C PRO A 21 2.57 8.64 14.08
N SER A 22 2.27 8.07 12.91
CA SER A 22 0.93 7.61 12.60
C SER A 22 1.01 6.35 11.75
N LEU A 1 -8.91 -13.41 -3.51
CA LEU A 1 -8.56 -11.98 -3.50
C LEU A 1 -8.65 -11.41 -4.90
N ARG A 2 -9.10 -10.17 -5.02
CA ARG A 2 -9.18 -9.52 -6.31
C ARG A 2 -7.85 -8.88 -6.65
N LEU A 3 -7.28 -9.32 -7.74
CA LEU A 3 -5.92 -8.98 -8.13
C LEU A 3 -5.61 -7.50 -8.00
N ILE A 4 -6.35 -6.70 -8.74
CA ILE A 4 -6.11 -5.27 -8.82
C ILE A 4 -6.20 -4.59 -7.45
N HIS A 5 -7.05 -5.13 -6.59
CA HIS A 5 -7.28 -4.53 -5.27
C HIS A 5 -6.16 -4.91 -4.33
N ALA A 6 -5.45 -5.97 -4.69
CA ALA A 6 -4.30 -6.41 -3.93
C ALA A 6 -3.06 -5.71 -4.46
N VAL A 7 -3.06 -5.50 -5.76
CA VAL A 7 -2.04 -4.70 -6.42
C VAL A 7 -1.99 -3.32 -5.81
N ARG A 8 -3.13 -2.66 -5.83
CA ARG A 8 -3.25 -1.32 -5.32
C ARG A 8 -2.98 -1.27 -3.83
N GLY A 9 -3.46 -2.27 -3.11
CA GLY A 9 -3.18 -2.36 -1.68
C GLY A 9 -1.75 -2.81 -1.41
N TYR A 10 -1.01 -3.09 -2.47
CA TYR A 10 0.38 -3.43 -2.37
C TYR A 10 1.24 -2.18 -2.44
N TRP A 11 1.14 -1.43 -3.53
CA TRP A 11 2.02 -0.28 -3.72
C TRP A 11 1.55 0.94 -2.94
N LEU A 12 0.24 1.17 -2.85
CA LEU A 12 -0.28 2.30 -2.10
C LEU A 12 0.07 2.19 -0.63
N THR A 13 0.22 0.96 -0.17
CA THR A 13 0.54 0.68 1.22
C THR A 13 2.06 0.63 1.44
N ASN A 14 2.81 0.63 0.35
CA ASN A 14 4.27 0.53 0.43
C ASN A 14 4.97 1.86 0.22
N LYS A 15 4.52 2.64 -0.76
CA LYS A 15 5.11 3.95 -1.05
C LYS A 15 5.14 4.80 0.20
N VAL A 16 4.07 4.69 0.95
CA VAL A 16 3.95 5.29 2.26
C VAL A 16 4.90 4.61 3.24
N PRO A 17 5.86 5.36 3.78
CA PRO A 17 6.73 4.86 4.83
C PRO A 17 5.94 4.63 6.11
N ILE A 18 5.88 3.39 6.55
CA ILE A 18 5.05 3.01 7.68
C ILE A 18 5.76 3.26 9.00
N LYS A 19 6.53 4.33 9.02
CA LYS A 19 7.18 4.81 10.23
C LYS A 19 6.53 6.11 10.67
N ARG A 20 5.71 6.66 9.80
CA ARG A 20 5.00 7.90 10.07
C ARG A 20 3.58 7.60 10.53
N PRO A 21 3.03 8.40 11.45
CA PRO A 21 1.61 8.30 11.82
C PRO A 21 0.71 8.86 10.73
N SER A 22 0.90 8.36 9.51
CA SER A 22 0.09 8.77 8.38
C SER A 22 -1.18 7.91 8.32
N LEU A 1 -7.85 -10.46 -2.15
CA LEU A 1 -8.78 -11.46 -2.74
C LEU A 1 -8.74 -11.37 -4.26
N ARG A 2 -8.82 -10.16 -4.79
CA ARG A 2 -8.79 -9.93 -6.22
C ARG A 2 -7.45 -9.34 -6.63
N LEU A 3 -7.11 -9.42 -7.90
CA LEU A 3 -5.79 -9.00 -8.36
C LEU A 3 -5.54 -7.51 -8.15
N ILE A 4 -6.32 -6.68 -8.82
CA ILE A 4 -6.09 -5.24 -8.82
C ILE A 4 -6.24 -4.65 -7.43
N HIS A 5 -7.12 -5.26 -6.63
CA HIS A 5 -7.40 -4.75 -5.29
C HIS A 5 -6.27 -5.14 -4.35
N ALA A 6 -5.52 -6.16 -4.74
CA ALA A 6 -4.36 -6.58 -4.00
C ALA A 6 -3.16 -5.76 -4.44
N VAL A 7 -3.13 -5.51 -5.75
CA VAL A 7 -2.11 -4.68 -6.36
C VAL A 7 -2.07 -3.31 -5.72
N ARG A 8 -3.20 -2.63 -5.79
CA ARG A 8 -3.29 -1.27 -5.31
C ARG A 8 -3.00 -1.21 -3.81
N GLY A 9 -3.59 -2.13 -3.07
CA GLY A 9 -3.33 -2.20 -1.63
C GLY A 9 -1.91 -2.65 -1.33
N TYR A 10 -1.17 -3.01 -2.36
CA TYR A 10 0.21 -3.41 -2.23
C TYR A 10 1.14 -2.20 -2.35
N TRP A 11 1.06 -1.48 -3.47
CA TRP A 11 2.00 -0.39 -3.71
C TRP A 11 1.62 0.86 -2.93
N LEU A 12 0.32 1.11 -2.78
CA LEU A 12 -0.14 2.29 -2.07
C LEU A 12 0.32 2.27 -0.62
N THR A 13 0.38 1.08 -0.05
CA THR A 13 0.76 0.92 1.34
C THR A 13 2.28 0.81 1.48
N ASN A 14 2.95 0.75 0.35
CA ASN A 14 4.39 0.54 0.31
C ASN A 14 5.16 1.84 0.06
N LYS A 15 4.70 2.63 -0.92
CA LYS A 15 5.39 3.86 -1.30
C LYS A 15 5.36 4.87 -0.17
N VAL A 16 4.26 4.85 0.55
CA VAL A 16 4.10 5.65 1.75
C VAL A 16 5.20 5.35 2.76
N PRO A 17 6.05 6.35 3.05
CA PRO A 17 7.10 6.23 4.05
C PRO A 17 6.51 6.11 5.45
N ILE A 18 6.78 5.00 6.10
CA ILE A 18 6.26 4.74 7.44
C ILE A 18 7.39 4.75 8.45
N LYS A 19 8.36 5.61 8.22
CA LYS A 19 9.54 5.68 9.05
C LYS A 19 9.26 6.53 10.28
N ARG A 20 8.79 7.75 10.03
CA ARG A 20 8.46 8.68 11.09
C ARG A 20 7.20 8.25 11.82
N PRO A 21 7.29 7.94 13.12
CA PRO A 21 6.12 7.59 13.94
C PRO A 21 5.32 8.84 14.33
N SER A 22 5.12 9.72 13.37
CA SER A 22 4.36 10.94 13.60
C SER A 22 2.86 10.67 13.50
N LEU A 1 -11.30 -9.80 -2.60
CA LEU A 1 -10.39 -10.79 -3.20
C LEU A 1 -10.31 -10.61 -4.71
N ARG A 2 -9.31 -9.87 -5.14
CA ARG A 2 -9.10 -9.62 -6.56
C ARG A 2 -7.62 -9.37 -6.81
N LEU A 3 -7.23 -9.26 -8.06
CA LEU A 3 -5.84 -8.96 -8.38
C LEU A 3 -5.52 -7.49 -8.14
N ILE A 4 -6.15 -6.62 -8.91
CA ILE A 4 -5.86 -5.19 -8.87
C ILE A 4 -6.10 -4.59 -7.49
N HIS A 5 -7.08 -5.10 -6.76
CA HIS A 5 -7.40 -4.56 -5.44
C HIS A 5 -6.34 -4.99 -4.43
N ALA A 6 -5.64 -6.05 -4.77
CA ALA A 6 -4.54 -6.55 -3.96
C ALA A 6 -3.27 -5.82 -4.35
N VAL A 7 -3.16 -5.55 -5.64
CA VAL A 7 -2.08 -4.77 -6.21
C VAL A 7 -2.03 -3.38 -5.60
N ARG A 8 -3.14 -2.67 -5.70
CA ARG A 8 -3.21 -1.32 -5.18
C ARG A 8 -3.07 -1.30 -3.67
N GLY A 9 -3.61 -2.34 -3.04
CA GLY A 9 -3.44 -2.51 -1.61
C GLY A 9 -2.05 -2.97 -1.26
N TYR A 10 -1.24 -3.19 -2.28
CA TYR A 10 0.17 -3.46 -2.10
C TYR A 10 1.00 -2.17 -2.22
N TRP A 11 0.94 -1.49 -3.37
CA TRP A 11 1.88 -0.41 -3.63
C TRP A 11 1.49 0.90 -2.98
N LEU A 12 0.22 1.09 -2.66
CA LEU A 12 -0.20 2.31 -1.98
C LEU A 12 0.25 2.25 -0.54
N THR A 13 0.42 1.02 -0.09
CA THR A 13 0.90 0.72 1.23
C THR A 13 2.42 0.80 1.30
N ASN A 14 3.04 0.86 0.14
CA ASN A 14 4.49 0.93 0.04
C ASN A 14 4.97 2.35 -0.26
N LYS A 15 4.36 3.00 -1.25
CA LYS A 15 4.77 4.33 -1.66
C LYS A 15 4.57 5.35 -0.54
N VAL A 16 3.66 5.02 0.35
CA VAL A 16 3.38 5.84 1.52
C VAL A 16 4.62 5.98 2.40
N PRO A 17 5.11 7.21 2.56
CA PRO A 17 6.22 7.49 3.47
C PRO A 17 5.82 7.28 4.92
N ILE A 18 6.48 6.33 5.56
CA ILE A 18 6.21 6.01 6.95
C ILE A 18 7.47 6.10 7.78
N LYS A 19 8.38 6.95 7.33
CA LYS A 19 9.62 7.19 8.04
C LYS A 19 9.58 8.58 8.65
N ARG A 20 9.48 9.58 7.78
CA ARG A 20 9.25 10.94 8.20
C ARG A 20 7.79 11.31 7.98
N PRO A 21 7.12 11.83 9.02
CA PRO A 21 5.70 12.18 8.95
C PRO A 21 5.46 13.56 8.34
N SER A 22 6.33 13.93 7.41
CA SER A 22 6.22 15.20 6.71
C SER A 22 5.91 14.98 5.24
N LEU A 1 -7.89 -11.26 -2.44
CA LEU A 1 -9.33 -11.30 -2.81
C LEU A 1 -9.49 -11.04 -4.30
N ARG A 2 -8.89 -9.97 -4.78
CA ARG A 2 -8.91 -9.65 -6.20
C ARG A 2 -7.56 -9.10 -6.61
N LEU A 3 -7.19 -9.30 -7.86
CA LEU A 3 -5.87 -8.92 -8.33
C LEU A 3 -5.59 -7.43 -8.13
N ILE A 4 -6.35 -6.59 -8.79
CA ILE A 4 -6.14 -5.15 -8.76
C ILE A 4 -6.23 -4.58 -7.34
N HIS A 5 -7.07 -5.19 -6.52
CA HIS A 5 -7.29 -4.70 -5.15
C HIS A 5 -6.12 -5.11 -4.28
N ALA A 6 -5.42 -6.16 -4.69
CA ALA A 6 -4.25 -6.62 -3.99
C ALA A 6 -3.05 -5.83 -4.47
N VAL A 7 -3.11 -5.44 -5.74
CA VAL A 7 -2.10 -4.62 -6.35
C VAL A 7 -2.05 -3.25 -5.69
N ARG A 8 -3.18 -2.57 -5.70
CA ARG A 8 -3.25 -1.22 -5.17
C ARG A 8 -2.97 -1.20 -3.69
N GLY A 9 -3.48 -2.19 -2.97
CA GLY A 9 -3.21 -2.30 -1.56
C GLY A 9 -1.80 -2.79 -1.29
N TYR A 10 -1.07 -3.08 -2.36
CA TYR A 10 0.33 -3.44 -2.25
C TYR A 10 1.20 -2.19 -2.34
N TRP A 11 1.18 -1.51 -3.49
CA TRP A 11 2.13 -0.43 -3.72
C TRP A 11 1.71 0.88 -3.05
N LEU A 12 0.40 1.11 -2.93
CA LEU A 12 -0.10 2.34 -2.31
C LEU A 12 0.11 2.26 -0.81
N THR A 13 0.19 1.04 -0.35
CA THR A 13 0.42 0.74 1.04
C THR A 13 1.92 0.72 1.34
N ASN A 14 2.73 0.62 0.30
CA ASN A 14 4.18 0.54 0.46
C ASN A 14 4.86 1.89 0.20
N LYS A 15 4.66 2.44 -1.00
CA LYS A 15 5.39 3.64 -1.43
C LYS A 15 5.02 4.84 -0.60
N VAL A 16 3.86 4.77 0.04
CA VAL A 16 3.38 5.81 0.92
C VAL A 16 4.46 6.31 1.88
N PRO A 17 4.90 7.56 1.71
CA PRO A 17 5.85 8.18 2.63
C PRO A 17 5.26 8.37 4.01
N ILE A 18 5.89 7.75 5.00
CA ILE A 18 5.41 7.80 6.36
C ILE A 18 6.07 8.94 7.14
N LYS A 19 6.10 10.11 6.52
CA LYS A 19 6.66 11.30 7.14
C LYS A 19 5.55 12.19 7.65
N ARG A 20 4.33 11.72 7.45
CA ARG A 20 3.14 12.38 7.95
C ARG A 20 3.16 12.44 9.47
N PRO A 21 2.32 13.29 10.09
CA PRO A 21 2.19 13.38 11.54
C PRO A 21 1.45 12.16 12.12
N SER A 22 1.82 10.98 11.62
CA SER A 22 1.27 9.71 12.08
C SER A 22 -0.18 9.54 11.61
N LEU A 1 -10.67 -13.89 -4.38
CA LEU A 1 -9.60 -12.90 -4.13
C LEU A 1 -9.48 -11.93 -5.30
N ARG A 2 -9.10 -10.70 -5.01
CA ARG A 2 -8.97 -9.68 -6.04
C ARG A 2 -7.50 -9.47 -6.38
N LEU A 3 -7.23 -9.21 -7.65
CA LEU A 3 -5.87 -8.99 -8.12
C LEU A 3 -5.51 -7.52 -8.02
N ILE A 4 -6.26 -6.68 -8.72
CA ILE A 4 -5.97 -5.27 -8.83
C ILE A 4 -6.10 -4.57 -7.47
N HIS A 5 -7.02 -5.05 -6.66
CA HIS A 5 -7.24 -4.45 -5.34
C HIS A 5 -6.14 -4.88 -4.39
N ALA A 6 -5.50 -5.99 -4.73
CA ALA A 6 -4.35 -6.47 -3.97
C ALA A 6 -3.11 -5.74 -4.44
N VAL A 7 -3.11 -5.46 -5.73
CA VAL A 7 -2.08 -4.66 -6.35
C VAL A 7 -2.01 -3.29 -5.71
N ARG A 8 -3.14 -2.60 -5.70
CA ARG A 8 -3.21 -1.26 -5.17
C ARG A 8 -2.97 -1.26 -3.67
N GLY A 9 -3.50 -2.27 -3.00
CA GLY A 9 -3.24 -2.43 -1.58
C GLY A 9 -1.83 -2.89 -1.31
N TYR A 10 -1.08 -3.11 -2.37
CA TYR A 10 0.32 -3.41 -2.28
C TYR A 10 1.16 -2.14 -2.37
N TRP A 11 1.08 -1.42 -3.50
CA TRP A 11 1.98 -0.29 -3.72
C TRP A 11 1.52 0.99 -3.02
N LEU A 12 0.23 1.14 -2.79
CA LEU A 12 -0.28 2.33 -2.10
C LEU A 12 0.02 2.20 -0.62
N THR A 13 0.22 0.97 -0.24
CA THR A 13 0.54 0.59 1.11
C THR A 13 2.06 0.57 1.31
N ASN A 14 2.81 0.65 0.21
CA ASN A 14 4.26 0.53 0.24
C ASN A 14 4.96 1.88 0.16
N LYS A 15 4.59 2.69 -0.83
CA LYS A 15 5.24 3.98 -1.08
C LYS A 15 5.16 4.86 0.15
N VAL A 16 4.00 4.82 0.78
CA VAL A 16 3.75 5.50 2.03
C VAL A 16 4.72 5.04 3.12
N PRO A 17 5.52 5.97 3.65
CA PRO A 17 6.34 5.70 4.82
C PRO A 17 5.47 5.38 6.03
N ILE A 18 5.65 4.17 6.55
CA ILE A 18 4.84 3.68 7.65
C ILE A 18 5.72 3.24 8.81
N LYS A 19 6.69 4.07 9.13
CA LYS A 19 7.60 3.80 10.23
C LYS A 19 6.94 4.12 11.56
N ARG A 20 6.05 5.11 11.52
CA ARG A 20 5.28 5.48 12.70
C ARG A 20 3.97 4.72 12.70
N PRO A 21 3.39 4.46 13.88
CA PRO A 21 2.11 3.75 13.99
C PRO A 21 0.92 4.65 13.74
N SER A 22 1.12 5.63 12.88
CA SER A 22 0.09 6.61 12.55
C SER A 22 0.31 7.11 11.12
N LEU A 1 -8.81 -11.15 -2.40
CA LEU A 1 -8.99 -12.35 -3.25
C LEU A 1 -9.15 -11.96 -4.72
N ARG A 2 -8.36 -10.98 -5.14
CA ARG A 2 -8.39 -10.52 -6.52
C ARG A 2 -7.02 -9.94 -6.88
N LEU A 3 -6.83 -9.55 -8.12
CA LEU A 3 -5.54 -9.00 -8.53
C LEU A 3 -5.41 -7.53 -8.18
N ILE A 4 -6.16 -6.70 -8.87
CA ILE A 4 -6.06 -5.25 -8.75
C ILE A 4 -6.32 -4.77 -7.32
N HIS A 5 -7.22 -5.45 -6.63
CA HIS A 5 -7.59 -5.06 -5.27
C HIS A 5 -6.47 -5.40 -4.31
N ALA A 6 -5.60 -6.30 -4.75
CA ALA A 6 -4.42 -6.66 -4.02
C ALA A 6 -3.27 -5.76 -4.44
N VAL A 7 -3.25 -5.45 -5.72
CA VAL A 7 -2.24 -4.58 -6.32
C VAL A 7 -2.24 -3.21 -5.67
N ARG A 8 -3.37 -2.55 -5.71
CA ARG A 8 -3.47 -1.18 -5.26
C ARG A 8 -3.12 -1.05 -3.77
N GLY A 9 -3.61 -1.98 -2.97
CA GLY A 9 -3.29 -1.96 -1.55
C GLY A 9 -1.86 -2.38 -1.29
N TYR A 10 -1.21 -2.92 -2.30
CA TYR A 10 0.16 -3.36 -2.20
C TYR A 10 1.13 -2.19 -2.32
N TRP A 11 1.09 -1.47 -3.44
CA TRP A 11 2.06 -0.42 -3.68
C TRP A 11 1.71 0.87 -2.96
N LEU A 12 0.41 1.18 -2.86
CA LEU A 12 -0.02 2.40 -2.18
C LEU A 12 0.35 2.39 -0.71
N THR A 13 0.46 1.19 -0.15
CA THR A 13 0.83 1.03 1.25
C THR A 13 2.34 0.88 1.42
N ASN A 14 3.04 0.60 0.32
CA ASN A 14 4.46 0.28 0.38
C ASN A 14 5.35 1.45 0.03
N LYS A 15 5.11 2.04 -1.15
CA LYS A 15 5.97 3.11 -1.67
C LYS A 15 5.99 4.28 -0.71
N VAL A 16 4.85 4.48 -0.07
CA VAL A 16 4.67 5.50 0.95
C VAL A 16 5.59 5.25 2.14
N PRO A 17 6.58 6.12 2.35
CA PRO A 17 7.45 6.03 3.51
C PRO A 17 6.71 6.40 4.78
N ILE A 18 6.61 5.46 5.69
CA ILE A 18 5.92 5.67 6.95
C ILE A 18 6.92 6.11 8.01
N LYS A 19 7.67 7.16 7.70
CA LYS A 19 8.76 7.60 8.56
C LYS A 19 8.44 8.94 9.22
N ARG A 20 7.45 9.65 8.67
CA ARG A 20 7.08 10.95 9.23
C ARG A 20 6.02 10.77 10.32
N PRO A 21 6.24 11.38 11.49
CA PRO A 21 5.27 11.37 12.58
C PRO A 21 4.28 12.52 12.47
N SER A 22 4.01 12.91 11.23
CA SER A 22 3.12 14.02 10.93
C SER A 22 2.65 13.93 9.48
N LEU A 1 -10.43 -13.02 -3.28
CA LEU A 1 -9.42 -11.98 -3.54
C LEU A 1 -9.59 -11.42 -4.94
N ARG A 2 -8.99 -10.27 -5.20
CA ARG A 2 -9.05 -9.65 -6.51
C ARG A 2 -7.74 -8.96 -6.81
N LEU A 3 -7.17 -9.28 -7.95
CA LEU A 3 -5.80 -8.89 -8.28
C LEU A 3 -5.53 -7.40 -8.08
N ILE A 4 -6.24 -6.59 -8.82
CA ILE A 4 -5.98 -5.15 -8.85
C ILE A 4 -6.13 -4.52 -7.48
N HIS A 5 -6.99 -5.08 -6.66
CA HIS A 5 -7.26 -4.54 -5.34
C HIS A 5 -6.14 -4.91 -4.39
N ALA A 6 -5.50 -6.02 -4.67
CA ALA A 6 -4.38 -6.48 -3.89
C ALA A 6 -3.13 -5.79 -4.38
N VAL A 7 -3.13 -5.49 -5.67
CA VAL A 7 -2.10 -4.69 -6.29
C VAL A 7 -2.03 -3.33 -5.62
N ARG A 8 -3.17 -2.67 -5.60
CA ARG A 8 -3.27 -1.34 -5.06
C ARG A 8 -2.95 -1.31 -3.57
N GLY A 9 -3.44 -2.30 -2.85
CA GLY A 9 -3.12 -2.40 -1.44
C GLY A 9 -1.67 -2.81 -1.21
N TYR A 10 -0.99 -3.13 -2.30
CA TYR A 10 0.41 -3.47 -2.26
C TYR A 10 1.27 -2.22 -2.42
N TRP A 11 1.12 -1.50 -3.54
CA TRP A 11 1.99 -0.35 -3.81
C TRP A 11 1.55 0.92 -3.08
N LEU A 12 0.24 1.11 -2.91
CA LEU A 12 -0.27 2.32 -2.26
C LEU A 12 0.06 2.28 -0.78
N THR A 13 0.15 1.07 -0.27
CA THR A 13 0.47 0.82 1.12
C THR A 13 2.00 0.68 1.31
N ASN A 14 2.72 0.61 0.20
CA ASN A 14 4.16 0.41 0.23
C ASN A 14 4.94 1.72 0.19
N LYS A 15 4.68 2.52 -0.85
CA LYS A 15 5.46 3.73 -1.11
C LYS A 15 5.31 4.73 0.01
N VAL A 16 4.16 4.70 0.64
CA VAL A 16 3.87 5.52 1.81
C VAL A 16 4.78 5.14 2.97
N PRO A 17 5.67 6.06 3.38
CA PRO A 17 6.51 5.85 4.55
C PRO A 17 5.66 5.88 5.82
N ILE A 18 5.63 4.76 6.52
CA ILE A 18 4.76 4.61 7.69
C ILE A 18 5.57 4.53 8.97
N LYS A 19 6.70 5.21 8.98
CA LYS A 19 7.51 5.32 10.17
C LYS A 19 7.28 6.69 10.80
N ARG A 20 6.99 7.66 9.95
CA ARG A 20 6.64 9.00 10.39
C ARG A 20 5.21 9.02 10.93
N PRO A 21 4.93 9.87 11.92
CA PRO A 21 3.56 10.10 12.39
C PRO A 21 2.79 11.01 11.44
N SER A 22 2.86 10.68 10.15
CA SER A 22 2.24 11.47 9.10
C SER A 22 2.77 12.90 9.10
#